data_7KYF
#
_entry.id   7KYF
#
_cell.length_a   57.527
_cell.length_b   196.401
_cell.length_c   38.775
_cell.angle_alpha   90.000
_cell.angle_beta   90.000
_cell.angle_gamma   90.000
#
_symmetry.space_group_name_H-M   'P 21 21 2'
#
loop_
_entity.id
_entity.type
_entity.pdbx_description
1 polymer Bont/A1
2 non-polymer 'ZINC ION'
3 non-polymer N-[(3,5-dichlorophenyl)sulfonyl]-L-isoleucyl-N-hydroxy-L-norvalinamide
4 water water
#
_entity_poly.entity_id   1
_entity_poly.type   'polypeptide(L)'
_entity_poly.pdbx_seq_one_letter_code
;MPFVNKQFNYKDPVNGVDIAYIKIPNVGVMQPVKAFKIHNKIWVIPERDTFTNPEEGDLNPPPEAKQVPVSYYDSTYLST
DNEKDNYLKGVTKLFERIYSTDLGRMLLTSIVRGIPFWGGSTIDTELKVIDTNCINVIQPDGSYRSEELNLVIIGPSADI
IQFECKSFGHEVLNLTRNGYGSTQYIRFSPDFTFGFEESLEVDTNPLLGAGKFATDPAVTLAHELIHAGHRLYGIAINPN
RVFKVNTNAYYEMSGLEVSFEELRTFGGHDAKFIDSLQENEFRLYYYNKFKDIASTLNKAKSIVGTTASLQYMKNVFKEK
YLLSEDTSGKFSVDKLKFDKLYKMLTEIYTEDNFVKFFKVLNRKTYLNFDKAVFKINIVPKVNYTIYDGFNLRNTNLAAN
FNGQNTEINNMNFTKLK
;
_entity_poly.pdbx_strand_id   C
#
loop_
_chem_comp.id
_chem_comp.type
_chem_comp.name
_chem_comp.formula
XC1 non-polymer N-[(3,5-dichlorophenyl)sulfonyl]-L-isoleucyl-N-hydroxy-L-norvalinamide 'C17 H25 Cl2 N3 O5 S'
ZN non-polymer 'ZINC ION' 'Zn 2'
#
# COMPACT_ATOMS: atom_id res chain seq x y z
N PHE A 3 -11.38 -10.39 2.89
CA PHE A 3 -9.93 -10.52 3.22
C PHE A 3 -9.78 -11.31 4.52
N VAL A 4 -9.72 -10.61 5.66
CA VAL A 4 -9.58 -11.26 6.99
C VAL A 4 -10.65 -12.34 7.14
N ASN A 5 -10.24 -13.60 7.32
CA ASN A 5 -11.19 -14.73 7.48
C ASN A 5 -11.61 -14.76 8.95
N LYS A 6 -10.65 -14.82 9.84
CA LYS A 6 -10.88 -14.82 11.32
C LYS A 6 -10.78 -13.38 11.84
N GLN A 7 -11.57 -13.05 12.84
CA GLN A 7 -11.47 -11.75 13.53
C GLN A 7 -10.36 -11.90 14.56
N PHE A 8 -9.51 -10.90 14.61
CA PHE A 8 -8.26 -10.83 15.41
C PHE A 8 -8.47 -9.78 16.51
N ASN A 9 -7.93 -10.12 17.68
CA ASN A 9 -7.71 -9.22 18.84
C ASN A 9 -6.20 -9.13 19.14
N TYR A 10 -5.70 -7.96 19.50
CA TYR A 10 -4.26 -7.72 19.74
C TYR A 10 -3.81 -8.65 20.83
N LYS A 11 -4.71 -8.96 21.76
CA LYS A 11 -4.44 -9.79 22.95
C LYS A 11 -4.13 -11.23 22.56
N ASP A 12 -4.89 -11.72 21.57
CA ASP A 12 -4.88 -13.09 21.02
C ASP A 12 -3.48 -13.68 21.05
N PRO A 13 -3.33 -14.89 21.65
CA PRO A 13 -2.03 -15.50 21.82
C PRO A 13 -1.33 -15.71 20.47
N VAL A 14 -0.03 -15.42 20.49
CA VAL A 14 0.95 -15.78 19.43
C VAL A 14 0.88 -17.30 19.17
N ASN A 15 0.89 -17.63 17.89
CA ASN A 15 0.78 -19.00 17.32
C ASN A 15 1.91 -19.26 16.31
N GLY A 16 2.81 -18.32 16.09
CA GLY A 16 3.93 -18.46 15.13
C GLY A 16 3.53 -18.61 13.67
N VAL A 17 2.23 -18.56 13.39
CA VAL A 17 1.61 -18.78 12.05
C VAL A 17 1.05 -17.46 11.49
N ASP A 18 0.01 -16.92 12.10
CA ASP A 18 -0.62 -15.63 11.71
C ASP A 18 -0.70 -14.60 12.85
N ILE A 19 -0.28 -14.95 14.07
CA ILE A 19 -0.05 -14.00 15.23
C ILE A 19 1.30 -14.31 15.82
N ALA A 20 2.22 -13.41 15.56
CA ALA A 20 3.64 -13.64 15.82
C ALA A 20 4.33 -12.37 16.25
N TYR A 21 5.49 -12.54 16.87
CA TYR A 21 6.53 -11.52 17.00
C TYR A 21 7.47 -11.72 15.83
N ILE A 22 7.85 -10.62 15.23
CA ILE A 22 8.46 -10.58 13.88
C ILE A 22 9.58 -9.59 13.90
N LYS A 23 10.55 -9.81 13.00
CA LYS A 23 11.74 -8.93 12.82
C LYS A 23 11.79 -8.48 11.35
N ILE A 24 11.77 -7.17 11.11
CA ILE A 24 11.80 -6.58 9.74
C ILE A 24 13.23 -6.61 9.20
N PRO A 25 13.44 -6.59 7.85
CA PRO A 25 14.78 -6.55 7.27
C PRO A 25 15.49 -5.36 7.92
N ASN A 26 16.40 -5.65 8.86
CA ASN A 26 17.08 -4.59 9.67
C ASN A 26 18.59 -4.84 9.65
N VAL A 27 19.27 -4.41 8.58
CA VAL A 27 18.59 -3.72 7.44
C VAL A 27 18.42 -4.72 6.29
N MET A 30 17.80 -4.19 17.43
CA MET A 30 16.40 -4.24 16.92
C MET A 30 15.60 -5.27 17.74
N GLN A 31 14.31 -5.01 17.94
CA GLN A 31 13.45 -5.83 18.84
C GLN A 31 12.18 -6.29 18.12
N PRO A 32 11.66 -7.45 18.53
CA PRO A 32 10.44 -7.97 17.93
C PRO A 32 9.10 -7.37 18.36
N VAL A 33 8.22 -7.31 17.36
CA VAL A 33 6.87 -6.70 17.44
C VAL A 33 5.83 -7.74 17.05
N LYS A 34 4.68 -7.61 17.72
CA LYS A 34 3.47 -8.37 17.49
C LYS A 34 2.79 -7.88 16.22
N ALA A 35 2.60 -8.83 15.30
CA ALA A 35 2.06 -8.63 13.93
C ALA A 35 1.07 -9.70 13.58
N PHE A 36 0.03 -9.30 12.84
CA PHE A 36 -1.14 -10.11 12.47
C PHE A 36 -1.10 -10.36 10.95
N LYS A 37 -1.35 -11.60 10.51
CA LYS A 37 -1.39 -12.01 9.08
C LYS A 37 -2.82 -12.12 8.64
N ILE A 38 -3.33 -11.04 8.10
CA ILE A 38 -4.83 -10.91 7.91
C ILE A 38 -5.27 -11.57 6.60
N HIS A 39 -4.30 -11.98 5.82
CA HIS A 39 -4.44 -12.63 4.50
C HIS A 39 -3.05 -13.06 4.05
N ASN A 40 -3.06 -14.05 3.17
CA ASN A 40 -1.85 -14.46 2.43
C ASN A 40 -1.14 -13.19 2.08
N LYS A 41 0.13 -13.14 2.42
CA LYS A 41 1.16 -12.19 1.98
C LYS A 41 0.94 -10.76 2.55
N ILE A 42 -0.01 -10.61 3.44
CA ILE A 42 -0.35 -9.33 4.10
C ILE A 42 -0.40 -9.46 5.62
N TRP A 43 0.50 -8.71 6.23
CA TRP A 43 0.69 -8.59 7.70
C TRP A 43 0.36 -7.16 8.14
N VAL A 44 -0.23 -7.03 9.31
CA VAL A 44 -0.43 -5.74 10.03
C VAL A 44 0.36 -5.65 11.36
N ILE A 45 1.22 -4.66 11.47
CA ILE A 45 1.98 -4.24 12.65
C ILE A 45 1.31 -3.04 13.30
N PRO A 46 0.51 -3.26 14.39
CA PRO A 46 -0.11 -2.22 15.20
C PRO A 46 0.84 -1.42 16.11
N GLU A 47 1.91 -0.99 15.52
CA GLU A 47 3.00 -0.23 16.11
C GLU A 47 3.30 0.96 15.22
N ARG A 48 3.95 1.95 15.82
CA ARG A 48 4.55 3.09 15.13
C ARG A 48 5.82 2.64 14.42
N ASP A 49 6.07 3.19 13.23
CA ASP A 49 7.21 2.77 12.38
C ASP A 49 8.47 3.48 12.82
N THR A 50 9.22 2.80 13.70
CA THR A 50 10.53 3.24 14.21
C THR A 50 11.54 2.17 13.79
N PHE A 51 11.26 1.46 12.69
CA PHE A 51 12.06 0.29 12.27
C PHE A 51 12.60 0.38 10.84
N THR A 52 11.78 0.80 9.87
CA THR A 52 12.16 0.80 8.43
C THR A 52 13.32 1.73 8.09
N ASN A 53 13.41 2.87 8.80
CA ASN A 53 14.48 3.88 8.54
C ASN A 53 15.51 3.85 9.68
N PRO A 54 16.74 4.36 9.46
CA PRO A 54 17.78 4.38 10.48
C PRO A 54 17.48 5.33 11.65
N GLU A 55 17.04 4.77 12.79
CA GLU A 55 16.73 5.56 14.01
C GLU A 55 15.78 6.71 13.69
N GLU A 56 14.81 6.49 12.79
CA GLU A 56 13.83 7.55 12.45
C GLU A 56 12.57 7.24 13.28
N GLY A 57 12.77 6.93 14.56
CA GLY A 57 11.75 6.59 15.57
C GLY A 57 12.10 7.21 16.90
N ASP A 58 11.81 8.49 17.04
CA ASP A 58 12.06 9.28 18.27
C ASP A 58 10.71 9.80 18.76
N LEU A 59 9.65 9.57 17.94
CA LEU A 59 8.25 10.08 18.06
C LEU A 59 8.25 11.59 18.29
N ASN A 60 9.15 12.08 19.15
CA ASN A 60 9.25 13.53 19.47
C ASN A 60 9.53 14.33 18.20
N PRO A 61 8.89 15.51 18.00
CA PRO A 61 9.11 16.33 16.81
C PRO A 61 10.50 17.00 16.79
N PRO A 62 10.99 17.44 15.62
CA PRO A 62 12.32 18.07 15.52
C PRO A 62 12.28 19.58 15.83
N PRO A 63 12.85 20.45 14.96
CA PRO A 63 12.86 21.90 15.19
C PRO A 63 11.49 22.54 14.93
N GLU A 64 11.25 22.98 13.68
CA GLU A 64 9.95 23.63 13.31
C GLU A 64 9.13 22.70 12.42
N ALA A 65 8.02 22.18 12.96
CA ALA A 65 7.02 21.37 12.25
C ALA A 65 6.08 22.26 11.42
N LYS A 66 5.49 21.65 10.38
CA LYS A 66 4.54 22.25 9.41
C LYS A 66 3.18 22.47 10.10
N GLN A 67 3.03 21.88 11.29
CA GLN A 67 1.86 22.03 12.22
C GLN A 67 0.60 21.65 11.47
N VAL A 68 -0.53 21.60 12.17
CA VAL A 68 -1.83 21.28 11.50
C VAL A 68 -2.12 22.42 10.52
N PRO A 69 -2.55 22.13 9.28
CA PRO A 69 -2.91 20.78 8.87
C PRO A 69 -1.86 20.06 8.01
N VAL A 70 -0.56 20.42 8.13
CA VAL A 70 0.42 19.69 7.27
C VAL A 70 1.16 18.63 8.09
N SER A 71 1.21 18.79 9.41
CA SER A 71 1.78 17.75 10.34
C SER A 71 0.94 17.59 11.63
N TYR A 72 1.08 16.41 12.25
CA TYR A 72 0.64 16.04 13.63
C TYR A 72 1.65 15.09 14.29
N TYR A 73 1.91 15.34 15.57
CA TYR A 73 2.99 14.73 16.38
C TYR A 73 2.53 14.53 17.85
N ASP A 74 1.74 13.47 18.08
CA ASP A 74 1.52 12.83 19.40
C ASP A 74 2.42 11.59 19.56
N SER A 75 3.33 11.65 20.53
CA SER A 75 4.41 10.68 20.87
C SER A 75 3.82 9.41 21.47
N THR A 76 2.54 9.46 21.80
CA THR A 76 1.85 8.55 22.72
C THR A 76 0.85 7.71 21.96
N TYR A 77 0.54 8.12 20.73
CA TYR A 77 -0.41 7.43 19.83
C TYR A 77 0.14 6.05 19.53
N LEU A 78 -0.75 5.05 19.49
CA LEU A 78 -0.45 3.61 19.22
C LEU A 78 0.61 3.08 20.21
N SER A 79 0.55 3.50 21.47
CA SER A 79 1.34 3.03 22.65
C SER A 79 0.57 1.96 23.44
N THR A 80 -0.75 2.08 23.49
CA THR A 80 -1.65 1.27 24.33
C THR A 80 -2.23 0.15 23.48
N ASP A 81 -2.35 -1.04 24.07
CA ASP A 81 -3.01 -2.25 23.52
C ASP A 81 -4.41 -1.86 23.00
N ASN A 82 -5.18 -1.14 23.81
CA ASN A 82 -6.56 -0.77 23.47
C ASN A 82 -6.53 -0.02 22.11
N GLU A 83 -5.51 0.83 21.88
CA GLU A 83 -5.33 1.60 20.62
C GLU A 83 -4.92 0.62 19.52
N LYS A 84 -3.93 -0.21 19.84
CA LYS A 84 -3.38 -1.25 18.95
C LYS A 84 -4.47 -2.17 18.40
N ASP A 85 -5.36 -2.66 19.26
CA ASP A 85 -6.52 -3.51 18.91
C ASP A 85 -7.49 -2.74 18.04
N ASN A 86 -7.75 -1.49 18.37
CA ASN A 86 -8.62 -0.60 17.57
C ASN A 86 -7.98 -0.37 16.19
N TYR A 87 -6.66 -0.22 16.14
CA TYR A 87 -5.86 -0.01 14.93
C TYR A 87 -6.09 -1.18 13.99
N LEU A 88 -5.99 -2.39 14.53
CA LEU A 88 -6.07 -3.65 13.77
C LEU A 88 -7.47 -3.83 13.19
N LYS A 89 -8.45 -3.75 14.06
CA LYS A 89 -9.89 -3.59 13.76
C LYS A 89 -10.09 -2.52 12.71
N GLY A 90 -9.39 -1.39 12.86
CA GLY A 90 -9.49 -0.26 11.93
C GLY A 90 -9.02 -0.62 10.54
N VAL A 91 -7.85 -1.26 10.44
CA VAL A 91 -7.27 -1.67 9.11
C VAL A 91 -8.02 -2.91 8.61
N THR A 92 -8.60 -3.68 9.53
CA THR A 92 -9.35 -4.92 9.16
C THR A 92 -10.74 -4.53 8.64
N LYS A 93 -11.10 -3.25 8.72
CA LYS A 93 -12.42 -2.78 8.25
C LYS A 93 -12.30 -2.15 6.87
N LEU A 94 -11.29 -1.31 6.72
CA LEU A 94 -10.93 -0.59 5.49
C LEU A 94 -10.57 -1.58 4.41
N PHE A 95 -10.05 -2.74 4.80
CA PHE A 95 -9.59 -3.74 3.82
C PHE A 95 -10.81 -4.35 3.21
N GLU A 96 -11.71 -4.74 4.08
CA GLU A 96 -12.99 -5.33 3.71
C GLU A 96 -13.79 -4.34 2.87
N ARG A 97 -13.86 -3.11 3.32
CA ARG A 97 -14.55 -1.99 2.64
C ARG A 97 -14.01 -1.88 1.24
N ILE A 98 -12.69 -1.85 1.14
CA ILE A 98 -11.91 -2.01 -0.10
C ILE A 98 -12.32 -3.30 -0.83
N TYR A 99 -12.47 -4.45 -0.16
CA TYR A 99 -12.70 -5.78 -0.81
C TYR A 99 -14.10 -5.86 -1.43
N SER A 100 -15.08 -5.22 -0.79
CA SER A 100 -16.51 -5.13 -1.11
C SER A 100 -16.72 -4.54 -2.50
N THR A 101 -15.79 -3.69 -2.93
CA THR A 101 -15.75 -3.12 -4.28
C THR A 101 -15.12 -4.15 -5.23
N ASP A 102 -15.69 -4.25 -6.43
CA ASP A 102 -15.19 -5.14 -7.48
C ASP A 102 -13.80 -4.69 -7.80
N LEU A 103 -13.52 -3.41 -7.64
CA LEU A 103 -12.15 -2.88 -7.92
C LEU A 103 -11.12 -3.20 -6.83
N GLY A 104 -11.51 -2.99 -5.59
CA GLY A 104 -10.70 -3.31 -4.41
C GLY A 104 -10.37 -4.78 -4.34
N ARG A 105 -11.35 -5.63 -4.57
CA ARG A 105 -11.26 -7.13 -4.70
C ARG A 105 -10.24 -7.54 -5.73
N MET A 106 -10.20 -6.84 -6.86
CA MET A 106 -9.25 -7.04 -7.97
C MET A 106 -7.90 -6.53 -7.55
N LEU A 107 -7.87 -5.33 -7.00
CA LEU A 107 -6.59 -4.76 -6.59
C LEU A 107 -5.86 -5.64 -5.60
N LEU A 108 -6.51 -5.92 -4.49
CA LEU A 108 -6.00 -6.82 -3.45
C LEU A 108 -5.53 -8.14 -4.07
N THR A 109 -6.32 -8.70 -4.98
CA THR A 109 -5.98 -9.87 -5.83
C THR A 109 -4.73 -9.61 -6.58
N SER A 110 -4.55 -8.43 -7.12
CA SER A 110 -3.31 -8.07 -7.81
C SER A 110 -2.07 -8.05 -6.88
N ILE A 111 -2.27 -7.42 -5.74
CA ILE A 111 -1.25 -7.27 -4.63
C ILE A 111 -0.88 -8.68 -4.11
N VAL A 112 -1.80 -9.49 -3.78
CA VAL A 112 -1.54 -10.87 -3.24
C VAL A 112 -0.73 -11.72 -4.20
N ARG A 113 -1.00 -11.58 -5.48
CA ARG A 113 -0.45 -12.39 -6.59
C ARG A 113 0.86 -11.87 -7.01
N GLY A 114 1.17 -10.68 -6.59
CA GLY A 114 2.42 -10.00 -6.97
C GLY A 114 3.62 -10.24 -6.07
N ILE A 115 4.01 -11.48 -5.99
CA ILE A 115 5.20 -11.94 -5.22
C ILE A 115 6.35 -11.22 -5.79
N PRO A 116 7.15 -10.59 -4.91
CA PRO A 116 8.41 -10.09 -5.30
C PRO A 116 9.34 -11.16 -5.86
N PHE A 117 10.15 -10.70 -6.79
CA PHE A 117 10.82 -11.61 -7.72
C PHE A 117 12.05 -12.10 -6.98
N TRP A 118 12.32 -13.41 -7.11
CA TRP A 118 13.49 -14.12 -6.52
C TRP A 118 14.73 -13.83 -7.35
N GLY A 119 15.15 -12.56 -7.32
CA GLY A 119 16.28 -11.98 -8.03
C GLY A 119 17.54 -11.74 -7.23
N GLY A 120 17.80 -12.55 -6.23
CA GLY A 120 18.86 -12.31 -5.23
C GLY A 120 20.21 -12.97 -5.45
N SER A 121 20.36 -13.77 -6.47
CA SER A 121 21.66 -14.46 -6.69
C SER A 121 22.48 -13.72 -7.72
N THR A 122 23.79 -13.65 -7.46
CA THR A 122 24.88 -13.13 -8.32
C THR A 122 25.06 -13.98 -9.57
N ILE A 123 24.72 -15.28 -9.49
CA ILE A 123 24.81 -16.24 -10.63
C ILE A 123 23.46 -16.30 -11.30
N ASP A 124 23.47 -16.06 -12.62
CA ASP A 124 22.30 -15.71 -13.47
C ASP A 124 21.50 -16.96 -13.89
N THR A 125 21.90 -18.15 -13.44
CA THR A 125 21.15 -19.44 -13.63
C THR A 125 20.38 -19.74 -12.34
N GLU A 126 20.51 -18.91 -11.31
CA GLU A 126 20.03 -19.23 -9.95
C GLU A 126 18.89 -18.33 -9.53
N LEU A 127 17.78 -18.93 -9.15
CA LEU A 127 16.65 -18.26 -8.48
C LEU A 127 16.93 -18.30 -6.97
N LYS A 128 16.99 -17.10 -6.39
CA LYS A 128 17.21 -16.82 -4.95
C LYS A 128 16.39 -15.63 -4.48
N VAL A 129 15.72 -15.84 -3.36
CA VAL A 129 14.94 -14.81 -2.64
C VAL A 129 15.86 -13.69 -2.26
N ILE A 130 15.31 -12.50 -2.39
CA ILE A 130 15.85 -11.26 -1.78
C ILE A 130 15.30 -11.17 -0.35
N ASP A 131 16.18 -11.40 0.64
CA ASP A 131 15.88 -11.36 2.09
C ASP A 131 15.13 -10.10 2.51
N THR A 132 15.27 -8.98 1.80
CA THR A 132 14.50 -7.72 2.09
C THR A 132 13.01 -7.88 1.81
N ASN A 133 12.64 -8.93 1.11
CA ASN A 133 11.24 -9.22 0.80
C ASN A 133 10.75 -10.28 1.76
N CYS A 134 11.49 -10.43 2.85
CA CYS A 134 11.09 -11.34 3.92
C CYS A 134 10.96 -10.60 5.24
N ILE A 135 10.24 -11.23 6.14
CA ILE A 135 10.33 -10.99 7.60
C ILE A 135 10.83 -12.26 8.33
N ASN A 136 11.39 -12.10 9.52
CA ASN A 136 11.71 -13.21 10.46
C ASN A 136 10.63 -13.34 11.53
N VAL A 137 9.97 -14.49 11.54
CA VAL A 137 8.88 -14.84 12.45
C VAL A 137 9.50 -15.74 13.51
N ILE A 138 9.40 -15.25 14.74
CA ILE A 138 9.99 -15.86 15.97
C ILE A 138 9.22 -17.13 16.25
N GLN A 139 9.98 -18.20 16.42
CA GLN A 139 9.46 -19.54 16.72
C GLN A 139 9.62 -19.79 18.22
N PRO A 140 8.86 -20.74 18.78
CA PRO A 140 8.93 -21.10 20.20
C PRO A 140 10.30 -21.08 20.88
N ASP A 141 11.37 -21.43 20.16
CA ASP A 141 12.73 -21.62 20.72
C ASP A 141 13.55 -20.35 20.56
N GLY A 142 12.86 -19.26 20.18
CA GLY A 142 13.41 -17.91 19.98
C GLY A 142 14.15 -17.75 18.68
N SER A 143 14.31 -18.86 17.93
CA SER A 143 14.90 -18.87 16.57
C SER A 143 13.93 -18.16 15.62
N TYR A 144 14.46 -17.68 14.50
CA TYR A 144 13.70 -16.97 13.46
C TYR A 144 13.56 -17.85 12.19
N ARG A 145 12.49 -17.64 11.44
CA ARG A 145 12.23 -18.42 10.18
C ARG A 145 11.91 -17.43 9.04
N SER A 146 12.79 -17.36 8.04
CA SER A 146 12.59 -16.45 6.88
C SER A 146 11.20 -16.67 6.28
N GLU A 147 10.41 -15.59 6.16
CA GLU A 147 9.04 -15.67 5.58
C GLU A 147 8.91 -14.67 4.45
N GLU A 148 8.17 -15.01 3.39
CA GLU A 148 7.98 -14.11 2.25
C GLU A 148 6.66 -13.40 2.42
N LEU A 149 6.71 -12.09 2.19
CA LEU A 149 5.50 -11.25 2.31
C LEU A 149 5.45 -10.29 1.12
N ASN A 150 4.28 -9.73 0.89
CA ASN A 150 3.99 -8.71 -0.17
C ASN A 150 3.83 -7.30 0.46
N LEU A 151 2.96 -7.21 1.46
CA LEU A 151 2.68 -5.86 2.01
C LEU A 151 2.42 -5.89 3.51
N VAL A 152 3.03 -4.91 4.18
CA VAL A 152 2.92 -4.62 5.63
C VAL A 152 2.24 -3.31 5.83
N ILE A 153 1.12 -3.34 6.51
CA ILE A 153 0.50 -2.14 7.05
C ILE A 153 1.05 -1.91 8.47
N ILE A 154 1.81 -0.87 8.63
CA ILE A 154 2.40 -0.40 9.93
C ILE A 154 1.95 1.01 10.24
N GLY A 155 2.04 1.32 11.52
CA GLY A 155 1.71 2.60 12.11
C GLY A 155 2.55 3.69 11.53
N PRO A 156 2.07 4.94 11.69
CA PRO A 156 2.91 6.07 11.36
C PRO A 156 4.14 6.21 12.25
N SER A 157 5.14 6.85 11.70
CA SER A 157 6.31 7.42 12.41
C SER A 157 5.90 8.78 12.99
N ALA A 158 6.88 9.53 13.45
CA ALA A 158 6.74 10.82 14.15
C ALA A 158 5.52 11.56 13.60
N ASP A 159 5.64 12.11 12.39
CA ASP A 159 4.51 12.75 11.67
C ASP A 159 3.50 11.63 11.41
N ILE A 160 2.41 11.70 12.16
CA ILE A 160 1.35 10.68 12.24
C ILE A 160 0.60 10.68 10.91
N ILE A 161 0.48 11.84 10.27
CA ILE A 161 -0.36 11.97 9.02
C ILE A 161 0.52 11.83 7.77
N GLN A 162 1.82 11.55 7.97
CA GLN A 162 2.78 11.21 6.89
C GLN A 162 2.61 9.73 6.51
N PHE A 163 1.52 9.46 5.81
CA PHE A 163 1.25 8.17 5.13
C PHE A 163 2.04 8.03 3.85
N GLU A 164 2.67 6.89 3.72
CA GLU A 164 3.49 6.51 2.52
C GLU A 164 3.60 4.98 2.37
N CYS A 165 4.04 4.61 1.17
CA CYS A 165 4.37 3.27 0.68
C CYS A 165 5.83 3.32 0.33
N LYS A 166 6.62 2.58 1.12
CA LYS A 166 8.08 2.50 0.96
C LYS A 166 8.57 1.05 0.91
N SER A 167 9.85 0.90 0.66
CA SER A 167 10.43 -0.42 0.34
C SER A 167 11.92 -0.38 0.50
N PHE A 168 12.43 -1.50 1.02
CA PHE A 168 13.89 -1.73 1.04
C PHE A 168 14.38 -1.89 -0.42
N GLY A 169 15.51 -1.30 -0.66
CA GLY A 169 16.30 -1.22 -1.90
C GLY A 169 17.41 -2.25 -1.90
N HIS A 170 18.18 -2.14 -2.95
CA HIS A 170 19.26 -3.05 -3.39
C HIS A 170 20.46 -2.21 -3.80
N GLU A 171 21.66 -2.78 -3.64
CA GLU A 171 22.99 -2.21 -3.99
C GLU A 171 23.02 -1.74 -5.46
N VAL A 172 22.31 -2.45 -6.32
CA VAL A 172 22.37 -2.28 -7.81
C VAL A 172 20.97 -2.12 -8.35
N LEU A 173 20.04 -2.90 -7.79
CA LEU A 173 18.69 -3.10 -8.30
C LEU A 173 17.73 -2.05 -7.73
N ASN A 174 16.96 -1.46 -8.64
CA ASN A 174 15.71 -0.69 -8.47
C ASN A 174 14.54 -1.64 -8.66
N LEU A 175 14.22 -2.27 -7.53
CA LEU A 175 13.20 -3.32 -7.42
C LEU A 175 11.76 -2.87 -7.72
N THR A 176 11.42 -1.62 -7.51
CA THR A 176 10.10 -1.03 -7.82
C THR A 176 9.98 -0.48 -9.24
N ARG A 177 11.06 -0.43 -9.98
CA ARG A 177 11.23 0.19 -11.35
C ARG A 177 11.87 -0.78 -12.40
N ASN A 178 12.02 -2.09 -12.13
CA ASN A 178 12.61 -3.18 -13.00
C ASN A 178 11.79 -4.49 -13.08
N GLY A 179 10.53 -4.41 -12.69
CA GLY A 179 9.53 -5.46 -12.76
C GLY A 179 9.66 -6.50 -11.70
N TYR A 180 10.72 -6.46 -10.92
CA TYR A 180 11.00 -7.47 -9.86
C TYR A 180 9.94 -7.32 -8.79
N GLY A 181 9.85 -6.10 -8.29
CA GLY A 181 9.05 -5.85 -7.09
C GLY A 181 9.79 -6.08 -5.79
N SER A 182 9.20 -5.56 -4.74
CA SER A 182 9.74 -5.47 -3.36
C SER A 182 8.62 -5.51 -2.36
N THR A 183 8.87 -6.15 -1.23
CA THR A 183 7.91 -6.12 -0.11
C THR A 183 7.61 -4.64 0.23
N GLN A 184 6.33 -4.31 0.37
CA GLN A 184 5.90 -2.91 0.69
C GLN A 184 5.66 -2.78 2.19
N TYR A 185 5.93 -1.59 2.75
CA TYR A 185 5.73 -1.31 4.19
C TYR A 185 4.97 0.01 4.34
N ILE A 186 3.67 0.00 4.03
CA ILE A 186 2.81 1.22 4.10
C ILE A 186 2.67 1.68 5.56
N ARG A 187 3.03 2.94 5.82
CA ARG A 187 2.92 3.56 7.17
C ARG A 187 1.61 4.34 7.23
N PHE A 188 0.56 3.79 7.87
CA PHE A 188 -0.86 4.27 7.87
C PHE A 188 -1.55 4.10 9.23
N SER A 189 -2.63 4.87 9.46
CA SER A 189 -3.52 4.98 10.62
C SER A 189 -4.94 5.28 10.17
N PRO A 190 -5.91 4.49 10.61
CA PRO A 190 -7.29 4.79 10.45
C PRO A 190 -7.97 5.53 11.58
N ASP A 191 -7.18 6.12 12.45
CA ASP A 191 -7.60 6.80 13.70
C ASP A 191 -7.59 8.32 13.47
N PHE A 192 -7.20 8.74 12.28
CA PHE A 192 -7.24 10.15 11.82
C PHE A 192 -7.69 10.19 10.36
N THR A 193 -8.05 11.38 9.88
CA THR A 193 -8.34 11.67 8.45
C THR A 193 -8.18 13.16 8.16
N PHE A 194 -7.99 13.48 6.90
CA PHE A 194 -7.80 14.87 6.42
C PHE A 194 -9.16 15.46 6.05
N GLY A 195 -9.37 16.72 6.42
CA GLY A 195 -10.46 17.58 5.93
C GLY A 195 -10.03 18.43 4.74
N PHE A 196 -10.93 18.57 3.78
CA PHE A 196 -10.80 19.38 2.54
C PHE A 196 -12.06 20.24 2.42
N GLU A 197 -12.31 20.83 1.25
CA GLU A 197 -13.50 21.67 0.97
C GLU A 197 -13.95 21.44 -0.48
N GLU A 198 -15.24 21.56 -0.80
CA GLU A 198 -15.74 21.43 -2.19
C GLU A 198 -15.46 20.01 -2.72
N ALA A 210 -15.44 28.46 7.18
CA ALA A 210 -16.24 27.24 6.96
C ALA A 210 -15.31 26.09 6.51
N GLY A 211 -15.40 24.97 7.22
CA GLY A 211 -14.67 23.71 6.92
C GLY A 211 -15.62 22.61 6.50
N LYS A 212 -15.78 22.38 5.21
CA LYS A 212 -16.76 21.40 4.65
C LYS A 212 -16.45 19.98 5.17
N PHE A 213 -15.69 19.18 4.43
CA PHE A 213 -15.80 17.69 4.48
C PHE A 213 -14.53 17.04 5.01
N ALA A 214 -14.50 15.71 4.92
CA ALA A 214 -13.43 14.82 5.40
C ALA A 214 -13.17 13.59 4.47
N THR A 215 -11.90 13.23 4.29
CA THR A 215 -11.51 12.05 3.48
C THR A 215 -11.96 10.75 4.18
N ASP A 216 -12.61 9.86 3.41
CA ASP A 216 -12.97 8.46 3.81
C ASP A 216 -11.66 7.69 3.80
N PRO A 217 -11.17 7.27 4.98
CA PRO A 217 -9.84 6.69 5.12
C PRO A 217 -9.50 5.49 4.21
N ALA A 218 -10.54 4.80 3.83
CA ALA A 218 -10.69 3.76 2.78
C ALA A 218 -10.06 4.19 1.49
N VAL A 219 -10.23 5.45 1.19
CA VAL A 219 -9.70 6.08 -0.05
C VAL A 219 -8.22 6.34 0.14
N THR A 220 -7.89 6.83 1.30
CA THR A 220 -6.49 7.11 1.64
C THR A 220 -5.73 5.78 1.58
N LEU A 221 -6.25 4.76 2.19
CA LEU A 221 -5.63 3.41 2.19
C LEU A 221 -5.62 2.86 0.78
N ALA A 222 -6.64 3.09 -0.02
CA ALA A 222 -6.73 2.64 -1.42
C ALA A 222 -5.65 3.31 -2.21
N HIS A 223 -5.30 4.52 -1.83
CA HIS A 223 -4.19 5.20 -2.53
C HIS A 223 -2.87 4.51 -2.34
N GLU A 224 -2.60 4.14 -1.10
CA GLU A 224 -1.31 3.53 -0.73
C GLU A 224 -1.23 2.14 -1.37
N LEU A 225 -2.27 1.37 -1.34
CA LEU A 225 -2.38 0.08 -2.04
C LEU A 225 -2.21 0.17 -3.56
N ILE A 226 -2.63 1.28 -4.15
CA ILE A 226 -2.38 1.51 -5.61
C ILE A 226 -0.85 1.64 -5.77
N HIS A 227 -0.16 2.00 -4.68
CA HIS A 227 1.31 2.14 -4.64
C HIS A 227 1.95 0.74 -4.48
N ALA A 228 1.49 -0.03 -3.48
CA ALA A 228 1.98 -1.41 -3.27
C ALA A 228 1.85 -2.14 -4.60
N GLY A 229 0.75 -1.83 -5.31
CA GLY A 229 0.49 -2.35 -6.68
C GLY A 229 1.61 -2.15 -7.64
N HIS A 230 1.90 -0.90 -7.97
CA HIS A 230 2.95 -0.55 -8.97
C HIS A 230 4.34 -1.00 -8.50
N ARG A 231 4.60 -0.87 -7.19
CA ARG A 231 5.92 -1.21 -6.61
C ARG A 231 6.08 -2.75 -6.54
N LEU A 232 5.01 -3.44 -6.28
CA LEU A 232 5.03 -4.92 -6.28
C LEU A 232 5.21 -5.52 -7.69
N TYR A 233 4.71 -4.83 -8.70
CA TYR A 233 4.82 -5.29 -10.10
C TYR A 233 6.02 -4.63 -10.77
N GLY A 234 6.78 -3.87 -10.00
CA GLY A 234 8.01 -3.20 -10.46
C GLY A 234 7.87 -2.23 -11.63
N ILE A 235 6.71 -1.63 -11.71
CA ILE A 235 6.30 -0.63 -12.74
C ILE A 235 6.08 0.78 -12.19
N ALA A 236 6.86 1.15 -11.20
CA ALA A 236 6.70 2.42 -10.47
C ALA A 236 7.57 3.43 -11.18
N ILE A 237 7.02 4.61 -11.43
CA ILE A 237 7.78 5.70 -12.07
C ILE A 237 8.78 6.27 -11.05
N ASN A 238 10.01 6.54 -11.48
CA ASN A 238 11.11 7.16 -10.72
C ASN A 238 10.54 8.42 -10.09
N PRO A 239 10.74 8.59 -8.77
CA PRO A 239 10.22 9.74 -8.02
C PRO A 239 10.64 11.14 -8.47
N ASN A 240 11.72 11.22 -9.26
CA ASN A 240 12.33 12.46 -9.85
C ASN A 240 11.70 12.86 -11.19
N ARG A 241 10.77 12.07 -11.72
CA ARG A 241 9.89 12.43 -12.85
C ARG A 241 8.65 13.16 -12.33
N VAL A 242 8.74 14.49 -12.35
CA VAL A 242 7.66 15.46 -12.02
C VAL A 242 7.06 15.99 -13.34
N PHE A 243 6.12 16.94 -13.31
CA PHE A 243 5.52 17.26 -14.64
C PHE A 243 5.22 18.72 -14.97
N LYS A 244 4.20 18.85 -15.81
CA LYS A 244 3.64 20.03 -16.53
C LYS A 244 3.37 21.28 -15.69
N VAL A 245 3.37 22.42 -16.42
CA VAL A 245 3.17 23.80 -15.88
C VAL A 245 1.91 24.43 -16.49
N ASN A 246 0.73 23.97 -16.09
CA ASN A 246 -0.59 24.54 -16.47
C ASN A 246 -1.11 25.35 -15.26
N THR A 247 -0.33 26.35 -14.84
CA THR A 247 -0.48 27.08 -13.55
C THR A 247 -1.83 27.79 -13.49
N ASN A 248 -2.34 27.99 -12.27
CA ASN A 248 -3.57 28.79 -11.98
C ASN A 248 -3.34 30.22 -12.51
N ALA A 249 -4.43 30.87 -12.88
CA ALA A 249 -4.51 32.27 -13.32
C ALA A 249 -5.05 33.12 -12.16
N SER A 254 3.51 30.48 -10.58
CA SER A 254 4.11 30.56 -9.22
C SER A 254 3.53 29.43 -8.35
N GLY A 255 4.04 28.19 -8.52
CA GLY A 255 3.33 26.98 -8.09
C GLY A 255 4.20 25.73 -8.02
N LEU A 256 3.84 24.88 -7.06
CA LEU A 256 4.35 23.51 -6.79
C LEU A 256 4.23 22.63 -8.04
N GLU A 257 4.89 21.47 -8.07
CA GLU A 257 4.69 20.43 -9.12
C GLU A 257 4.41 19.08 -8.47
N VAL A 258 3.75 18.19 -9.22
CA VAL A 258 3.36 16.82 -8.76
C VAL A 258 4.15 15.73 -9.49
N SER A 259 4.41 14.64 -8.78
CA SER A 259 5.15 13.44 -9.29
C SER A 259 4.28 12.75 -10.33
N PHE A 260 4.89 12.28 -11.42
CA PHE A 260 4.30 11.33 -12.40
C PHE A 260 3.59 10.23 -11.63
N GLU A 261 4.31 9.63 -10.69
CA GLU A 261 3.79 8.39 -10.00
C GLU A 261 2.48 8.70 -9.31
N GLU A 262 2.47 9.82 -8.60
CA GLU A 262 1.33 10.28 -7.80
C GLU A 262 0.18 10.67 -8.72
N LEU A 263 0.44 11.07 -9.95
CA LEU A 263 -0.59 11.53 -10.93
C LEU A 263 -1.31 10.33 -11.58
N ARG A 264 -0.55 9.29 -11.92
CA ARG A 264 -1.08 7.95 -12.30
C ARG A 264 -2.06 7.47 -11.25
N THR A 265 -1.60 7.53 -10.00
CA THR A 265 -2.29 6.89 -8.86
C THR A 265 -3.57 7.65 -8.51
N PHE A 266 -3.57 8.96 -8.40
CA PHE A 266 -4.84 9.68 -8.06
C PHE A 266 -5.82 9.46 -9.20
N GLY A 267 -5.28 9.58 -10.41
CA GLY A 267 -6.06 9.41 -11.64
C GLY A 267 -6.84 10.66 -11.98
N GLY A 268 -8.05 10.41 -12.47
CA GLY A 268 -9.07 11.40 -12.86
C GLY A 268 -8.66 12.27 -14.01
N HIS A 269 -9.12 13.50 -13.98
CA HIS A 269 -8.76 14.53 -14.98
C HIS A 269 -7.23 14.70 -14.97
N ASP A 270 -6.59 14.82 -13.81
CA ASP A 270 -5.16 15.24 -13.69
C ASP A 270 -4.25 14.23 -14.41
N ALA A 271 -4.70 12.97 -14.52
CA ALA A 271 -4.04 11.89 -15.30
C ALA A 271 -4.08 12.17 -16.81
N LYS A 272 -4.37 13.40 -17.21
CA LYS A 272 -4.27 13.89 -18.62
C LYS A 272 -3.03 14.79 -18.77
N PHE A 273 -2.55 15.43 -17.70
CA PHE A 273 -1.39 16.35 -17.74
C PHE A 273 -0.15 15.60 -18.24
N ILE A 274 -0.21 14.25 -18.21
CA ILE A 274 0.93 13.31 -18.47
C ILE A 274 1.05 13.11 -19.98
N ASP A 275 2.18 13.57 -20.53
CA ASP A 275 2.63 13.27 -21.92
C ASP A 275 2.39 11.79 -22.15
N SER A 276 1.46 11.47 -23.07
CA SER A 276 1.11 10.10 -23.52
C SER A 276 2.38 9.41 -24.05
N LEU A 277 3.30 10.14 -24.69
CA LEU A 277 4.52 9.58 -25.30
C LEU A 277 5.62 9.46 -24.25
N GLN A 278 5.34 9.86 -23.01
CA GLN A 278 6.12 9.50 -21.79
C GLN A 278 5.47 8.26 -21.18
N GLU A 279 4.16 8.09 -21.32
CA GLU A 279 3.40 6.89 -20.85
C GLU A 279 3.67 5.74 -21.83
N ASN A 280 3.62 6.00 -23.14
CA ASN A 280 4.08 5.09 -24.22
C ASN A 280 5.46 4.59 -23.83
N GLU A 281 6.35 5.52 -23.49
CA GLU A 281 7.81 5.34 -23.28
C GLU A 281 8.07 4.53 -22.00
N PHE A 282 7.06 4.38 -21.15
CA PHE A 282 7.15 3.61 -19.88
C PHE A 282 6.50 2.24 -20.11
N ARG A 283 5.31 2.22 -20.72
CA ARG A 283 4.46 1.04 -21.03
C ARG A 283 5.21 0.00 -21.87
N LEU A 284 6.22 0.47 -22.59
CA LEU A 284 7.23 -0.34 -23.33
C LEU A 284 8.43 -0.65 -22.44
N TYR A 285 8.91 0.30 -21.61
CA TYR A 285 10.04 0.09 -20.67
C TYR A 285 9.76 -1.13 -19.76
N TYR A 286 8.53 -1.31 -19.30
CA TYR A 286 8.11 -2.33 -18.31
C TYR A 286 7.65 -3.59 -19.02
N TYR A 287 7.58 -3.58 -20.35
CA TYR A 287 7.33 -4.73 -21.24
C TYR A 287 8.66 -5.48 -21.42
N ASN A 288 9.70 -4.77 -21.77
CA ASN A 288 11.09 -5.27 -21.94
C ASN A 288 11.68 -5.74 -20.61
N LYS A 289 11.21 -5.13 -19.53
CA LYS A 289 11.57 -5.50 -18.16
C LYS A 289 10.93 -6.85 -17.87
N PHE A 290 9.64 -6.93 -18.08
CA PHE A 290 8.88 -8.18 -18.00
C PHE A 290 9.53 -9.28 -18.87
N LYS A 291 10.01 -8.91 -20.04
CA LYS A 291 10.59 -9.86 -21.01
C LYS A 291 11.89 -10.39 -20.43
N ASP A 292 12.66 -9.52 -19.79
CA ASP A 292 13.95 -9.83 -19.12
C ASP A 292 13.75 -10.80 -17.96
N ILE A 293 12.61 -10.70 -17.30
CA ILE A 293 12.12 -11.63 -16.24
C ILE A 293 11.90 -13.01 -16.86
N ALA A 294 11.17 -13.06 -17.96
CA ALA A 294 10.84 -14.27 -18.76
C ALA A 294 12.12 -14.99 -19.16
N SER A 295 13.16 -14.25 -19.47
CA SER A 295 14.48 -14.74 -19.88
C SER A 295 15.11 -15.39 -18.66
N THR A 296 15.23 -14.66 -17.55
CA THR A 296 15.89 -15.10 -16.29
C THR A 296 15.32 -16.46 -15.87
N LEU A 297 14.03 -16.61 -16.00
CA LEU A 297 13.34 -17.84 -15.62
C LEU A 297 13.73 -18.99 -16.57
N ASN A 298 13.66 -18.74 -17.87
CA ASN A 298 14.07 -19.67 -18.94
C ASN A 298 15.52 -20.16 -18.72
N LYS A 299 16.42 -19.24 -18.37
CA LYS A 299 17.88 -19.44 -18.14
C LYS A 299 18.18 -20.02 -16.75
N ALA A 300 17.14 -20.20 -15.95
CA ALA A 300 17.22 -20.72 -14.58
C ALA A 300 17.47 -22.22 -14.63
N LYS A 301 18.56 -22.66 -13.98
CA LYS A 301 18.93 -24.09 -13.76
C LYS A 301 18.92 -24.49 -12.27
N SER A 302 19.33 -23.62 -11.34
CA SER A 302 19.21 -23.83 -9.86
C SER A 302 18.22 -22.88 -9.16
N ILE A 303 17.74 -23.31 -8.01
CA ILE A 303 17.01 -22.51 -7.00
C ILE A 303 17.64 -22.73 -5.62
N VAL A 304 17.79 -21.64 -4.87
CA VAL A 304 18.23 -21.55 -3.44
C VAL A 304 17.04 -21.70 -2.52
N GLY A 305 17.24 -22.42 -1.44
CA GLY A 305 16.18 -22.69 -0.46
C GLY A 305 15.70 -24.12 -0.41
N THR A 306 14.97 -24.37 0.68
CA THR A 306 14.34 -25.62 1.17
C THR A 306 12.88 -25.62 0.71
N THR A 307 12.23 -24.51 1.02
CA THR A 307 10.86 -24.14 0.63
C THR A 307 10.49 -24.89 -0.65
N ALA A 308 10.71 -24.28 -1.81
CA ALA A 308 10.01 -24.58 -3.06
C ALA A 308 10.99 -24.95 -4.18
N SER A 309 10.50 -25.64 -5.21
CA SER A 309 11.31 -26.08 -6.38
C SER A 309 11.41 -24.93 -7.38
N LEU A 310 12.35 -25.05 -8.31
CA LEU A 310 12.56 -24.09 -9.39
C LEU A 310 11.31 -24.06 -10.26
N GLN A 311 10.58 -25.17 -10.36
CA GLN A 311 9.30 -25.27 -11.10
C GLN A 311 8.16 -24.61 -10.35
N TYR A 312 7.96 -24.86 -9.05
CA TYR A 312 6.92 -24.15 -8.26
C TYR A 312 7.12 -22.64 -8.37
N MET A 313 8.33 -22.16 -8.17
CA MET A 313 8.61 -20.74 -8.21
C MET A 313 8.49 -20.18 -9.64
N LYS A 314 8.86 -20.93 -10.67
CA LYS A 314 8.71 -20.52 -12.09
C LYS A 314 7.23 -20.37 -12.45
N ASN A 315 6.37 -21.17 -11.90
CA ASN A 315 4.90 -21.09 -12.07
C ASN A 315 4.34 -19.92 -11.26
N VAL A 316 4.89 -19.62 -10.10
CA VAL A 316 4.44 -18.49 -9.24
C VAL A 316 4.50 -17.22 -10.08
N PHE A 317 5.66 -17.02 -10.64
CA PHE A 317 6.05 -15.87 -11.43
C PHE A 317 5.44 -15.92 -12.82
N LYS A 318 5.14 -17.10 -13.35
CA LYS A 318 4.37 -17.27 -14.58
C LYS A 318 3.04 -16.60 -14.30
N GLU A 319 2.47 -16.96 -13.16
CA GLU A 319 1.22 -16.47 -12.58
C GLU A 319 1.23 -14.95 -12.29
N LYS A 320 2.38 -14.38 -11.91
CA LYS A 320 2.50 -12.95 -11.56
C LYS A 320 2.52 -12.09 -12.81
N TYR A 321 3.44 -12.41 -13.70
CA TYR A 321 3.76 -11.65 -14.91
C TYR A 321 2.93 -12.06 -16.15
N LEU A 322 1.85 -12.78 -15.91
CA LEU A 322 0.94 -13.45 -16.86
C LEU A 322 1.69 -13.93 -18.08
N LEU A 323 2.77 -14.67 -17.82
CA LEU A 323 3.64 -15.22 -18.88
C LEU A 323 2.89 -16.37 -19.56
N SER A 324 3.34 -16.65 -20.78
CA SER A 324 2.79 -17.73 -21.64
C SER A 324 3.80 -18.88 -21.67
N GLU A 325 3.29 -20.11 -21.63
CA GLU A 325 4.10 -21.34 -21.55
C GLU A 325 3.81 -22.20 -22.77
N ASP A 326 4.78 -22.27 -23.68
CA ASP A 326 4.79 -23.17 -24.88
C ASP A 326 5.02 -24.61 -24.38
N THR A 327 5.15 -25.55 -25.32
CA THR A 327 5.23 -27.02 -25.09
C THR A 327 6.60 -27.40 -24.51
N SER A 328 7.67 -26.72 -24.90
CA SER A 328 9.02 -26.79 -24.28
C SER A 328 8.94 -26.38 -22.80
N GLY A 329 7.90 -25.61 -22.46
CA GLY A 329 7.77 -24.89 -21.17
C GLY A 329 8.76 -23.74 -21.11
N LYS A 330 8.91 -23.02 -22.22
CA LYS A 330 9.61 -21.71 -22.26
C LYS A 330 8.56 -20.60 -22.13
N PHE A 331 8.86 -19.65 -21.26
CA PHE A 331 7.92 -18.57 -20.90
C PHE A 331 8.16 -17.45 -21.92
N SER A 332 7.08 -16.82 -22.33
CA SER A 332 7.05 -15.55 -23.07
C SER A 332 6.09 -14.53 -22.42
N VAL A 333 6.33 -13.25 -22.67
CA VAL A 333 5.40 -12.16 -22.34
C VAL A 333 4.49 -11.91 -23.54
N ASP A 334 3.26 -12.39 -23.45
CA ASP A 334 2.10 -11.96 -24.28
C ASP A 334 1.97 -10.43 -24.17
N LYS A 335 2.17 -9.71 -25.28
CA LYS A 335 2.04 -8.22 -25.37
C LYS A 335 0.63 -7.76 -25.01
N LEU A 336 -0.35 -8.64 -25.18
CA LEU A 336 -1.79 -8.37 -24.94
C LEU A 336 -2.13 -8.47 -23.44
N LYS A 337 -1.77 -9.58 -22.81
CA LYS A 337 -2.03 -9.86 -21.36
C LYS A 337 -1.33 -8.79 -20.53
N PHE A 338 -0.11 -8.45 -20.92
CA PHE A 338 0.73 -7.38 -20.36
C PHE A 338 0.00 -6.03 -20.45
N ASP A 339 -0.49 -5.67 -21.63
CA ASP A 339 -1.14 -4.35 -21.84
C ASP A 339 -2.34 -4.24 -20.91
N LYS A 340 -3.10 -5.31 -20.77
CA LYS A 340 -4.31 -5.35 -19.93
C LYS A 340 -3.96 -5.26 -18.45
N LEU A 341 -2.88 -5.93 -18.04
CA LEU A 341 -2.34 -5.91 -16.66
C LEU A 341 -1.84 -4.51 -16.30
N TYR A 342 -1.07 -3.94 -17.22
CA TYR A 342 -0.44 -2.61 -17.10
C TYR A 342 -1.54 -1.57 -17.03
N LYS A 343 -2.56 -1.68 -17.87
CA LYS A 343 -3.71 -0.75 -17.92
C LYS A 343 -4.41 -0.85 -16.57
N MET A 344 -4.58 -2.06 -16.07
CA MET A 344 -5.33 -2.35 -14.83
C MET A 344 -4.64 -1.66 -13.64
N LEU A 345 -3.34 -1.81 -13.49
CA LEU A 345 -2.52 -1.40 -12.34
C LEU A 345 -2.30 0.11 -12.36
N THR A 346 -2.00 0.62 -13.55
CA THR A 346 -1.62 2.02 -13.85
C THR A 346 -2.85 2.95 -14.02
N GLU A 347 -3.98 2.53 -14.58
CA GLU A 347 -5.04 3.47 -15.02
C GLU A 347 -6.46 3.00 -14.68
N ILE A 348 -6.66 1.75 -14.31
CA ILE A 348 -7.94 1.28 -13.75
C ILE A 348 -7.93 1.48 -12.23
N TYR A 349 -6.79 1.21 -11.65
CA TYR A 349 -6.51 1.25 -10.19
C TYR A 349 -6.03 2.66 -9.86
N THR A 350 -6.98 3.55 -9.61
CA THR A 350 -6.76 4.98 -9.29
C THR A 350 -7.66 5.51 -8.20
N GLU A 351 -7.17 6.46 -7.40
CA GLU A 351 -7.95 7.06 -6.29
C GLU A 351 -9.26 7.56 -6.86
N ASP A 352 -9.23 8.14 -8.05
CA ASP A 352 -10.43 8.75 -8.68
C ASP A 352 -11.48 7.71 -8.93
N ASN A 353 -11.08 6.54 -9.38
CA ASN A 353 -12.00 5.46 -9.80
C ASN A 353 -12.47 4.74 -8.56
N PHE A 354 -11.68 4.85 -7.50
CA PHE A 354 -12.14 4.30 -6.19
C PHE A 354 -13.32 5.11 -5.62
N VAL A 355 -13.25 6.43 -5.74
CA VAL A 355 -14.26 7.37 -5.20
C VAL A 355 -15.59 7.19 -5.90
N LYS A 356 -15.55 6.84 -7.19
CA LYS A 356 -16.75 6.39 -7.94
C LYS A 356 -17.43 5.21 -7.24
N PHE A 357 -16.68 4.12 -7.09
CA PHE A 357 -17.16 2.87 -6.46
C PHE A 357 -17.64 3.12 -5.02
N PHE A 358 -16.93 3.91 -4.25
CA PHE A 358 -17.24 4.13 -2.80
C PHE A 358 -18.44 5.03 -2.60
N LYS A 359 -18.79 5.84 -3.59
CA LYS A 359 -19.97 6.76 -3.56
C LYS A 359 -19.75 7.72 -2.39
N VAL A 360 -18.66 8.45 -2.52
CA VAL A 360 -18.12 9.33 -1.47
C VAL A 360 -17.69 10.64 -2.13
N LEU A 361 -17.32 11.59 -1.28
CA LEU A 361 -16.68 12.84 -1.67
C LEU A 361 -15.22 12.84 -1.30
N ASN A 362 -14.44 13.33 -2.24
CA ASN A 362 -12.97 13.38 -2.24
C ASN A 362 -12.58 14.60 -3.06
N ARG A 363 -11.50 15.24 -2.64
CA ARG A 363 -10.71 16.19 -3.45
C ARG A 363 -10.73 15.69 -4.90
N LYS A 364 -11.11 16.57 -5.81
CA LYS A 364 -11.23 16.30 -7.27
C LYS A 364 -9.84 16.40 -7.93
N THR A 365 -8.84 16.87 -7.18
CA THR A 365 -7.43 17.09 -7.60
C THR A 365 -6.46 16.91 -6.40
N TYR A 366 -5.17 17.06 -6.68
CA TYR A 366 -4.05 16.92 -5.71
C TYR A 366 -3.65 18.32 -5.23
N LEU A 367 -4.44 19.35 -5.57
CA LEU A 367 -4.12 20.76 -5.20
C LEU A 367 -5.16 21.25 -4.20
N ASN A 368 -5.78 20.32 -3.45
CA ASN A 368 -6.81 20.62 -2.43
C ASN A 368 -6.14 20.47 -1.06
N PHE A 369 -5.48 21.55 -0.62
CA PHE A 369 -4.69 21.62 0.65
C PHE A 369 -5.62 21.33 1.82
N ASP A 370 -5.63 20.05 2.21
CA ASP A 370 -6.28 19.54 3.43
C ASP A 370 -5.92 20.50 4.56
N LYS A 371 -6.90 21.29 5.00
CA LYS A 371 -6.71 22.39 5.98
C LYS A 371 -6.90 21.86 7.40
N ALA A 372 -7.12 20.56 7.58
CA ALA A 372 -7.39 19.95 8.90
C ALA A 372 -7.15 18.42 8.93
N VAL A 373 -6.59 17.98 10.05
CA VAL A 373 -6.58 16.58 10.54
C VAL A 373 -7.56 16.48 11.71
N PHE A 374 -8.50 15.54 11.56
CA PHE A 374 -9.58 15.21 12.51
C PHE A 374 -9.28 13.86 13.18
N LYS A 375 -9.58 13.73 14.46
CA LYS A 375 -9.61 12.45 15.20
C LYS A 375 -10.87 11.73 14.76
N ILE A 376 -10.76 10.43 14.54
CA ILE A 376 -11.89 9.55 14.10
C ILE A 376 -11.77 8.16 14.76
N ASN A 377 -12.87 7.44 14.69
CA ASN A 377 -13.07 6.04 15.16
C ASN A 377 -14.05 5.34 14.23
N ILE A 378 -13.51 4.62 13.22
CA ILE A 378 -14.28 3.96 12.13
C ILE A 378 -14.71 2.56 12.57
N VAL A 379 -14.31 2.13 13.75
CA VAL A 379 -14.52 0.73 14.26
C VAL A 379 -15.98 0.46 14.53
N PRO A 380 -16.69 1.29 15.34
CA PRO A 380 -18.10 1.07 15.59
C PRO A 380 -18.92 1.24 14.30
N LYS A 381 -19.83 0.30 14.05
CA LYS A 381 -20.74 0.24 12.87
C LYS A 381 -21.86 1.29 12.95
N VAL A 382 -21.81 2.16 13.97
CA VAL A 382 -22.74 3.30 14.13
C VAL A 382 -22.01 4.53 13.63
N ASN A 383 -20.68 4.46 13.62
CA ASN A 383 -19.79 5.59 13.26
C ASN A 383 -19.62 5.53 11.73
N TYR A 384 -19.26 4.35 11.22
CA TYR A 384 -18.76 4.07 9.83
C TYR A 384 -18.78 2.56 9.58
N THR A 385 -19.29 2.16 8.44
CA THR A 385 -19.43 0.75 8.02
C THR A 385 -18.84 0.51 6.64
N ILE A 386 -18.60 -0.78 6.37
CA ILE A 386 -17.93 -1.35 5.17
C ILE A 386 -18.67 -0.81 3.93
N TYR A 387 -19.97 -0.94 3.93
CA TYR A 387 -20.84 -0.68 2.75
C TYR A 387 -20.95 0.81 2.40
N ASP A 388 -21.04 1.72 3.37
CA ASP A 388 -21.40 3.16 3.18
C ASP A 388 -20.35 4.14 3.73
N GLY A 389 -19.30 3.66 4.36
CA GLY A 389 -18.35 4.48 5.09
C GLY A 389 -19.05 5.24 6.20
N PHE A 390 -18.80 6.54 6.28
CA PHE A 390 -19.50 7.52 7.14
C PHE A 390 -20.95 7.69 6.70
N ASN A 391 -21.15 7.81 5.39
CA ASN A 391 -22.47 8.12 4.79
C ASN A 391 -23.46 6.98 4.99
N LEU A 392 -23.83 6.72 6.23
CA LEU A 392 -24.70 5.57 6.60
C LEU A 392 -26.04 5.73 5.91
N ARG A 393 -26.51 4.62 5.35
CA ARG A 393 -27.86 4.47 4.76
C ARG A 393 -28.83 4.40 5.92
N ASN A 394 -30.10 4.73 5.64
CA ASN A 394 -31.27 4.78 6.54
C ASN A 394 -31.07 5.85 7.63
N THR A 395 -30.13 6.78 7.38
CA THR A 395 -29.73 7.93 8.26
C THR A 395 -29.80 9.23 7.45
N ASN A 396 -29.61 10.39 8.12
CA ASN A 396 -29.53 11.75 7.53
C ASN A 396 -28.27 11.89 6.64
N LEU A 397 -27.26 11.05 6.90
CA LEU A 397 -25.85 11.15 6.38
C LEU A 397 -25.72 10.61 4.95
N ALA A 398 -26.66 9.78 4.51
CA ALA A 398 -26.59 9.02 3.24
C ALA A 398 -26.79 9.94 2.05
N ALA A 399 -27.12 11.22 2.27
CA ALA A 399 -27.39 12.23 1.21
C ALA A 399 -26.46 13.46 1.32
N ASN A 400 -25.93 13.90 0.18
CA ASN A 400 -24.97 15.03 0.00
C ASN A 400 -23.67 14.79 0.79
N PHE A 401 -23.38 13.51 1.00
CA PHE A 401 -22.26 12.96 1.80
C PHE A 401 -22.24 13.64 3.17
N ASN A 402 -23.40 13.87 3.77
CA ASN A 402 -23.58 14.52 5.10
C ASN A 402 -22.86 13.72 6.20
N GLY A 403 -22.64 12.44 5.99
CA GLY A 403 -21.69 11.60 6.75
C GLY A 403 -20.26 12.14 6.81
N GLN A 404 -19.72 12.64 5.70
CA GLN A 404 -18.35 13.21 5.56
C GLN A 404 -18.25 14.69 5.99
N ASN A 405 -19.39 15.37 6.12
CA ASN A 405 -19.52 16.77 6.62
C ASN A 405 -19.10 16.79 8.09
N THR A 406 -18.06 17.55 8.35
CA THR A 406 -17.36 17.77 9.63
C THR A 406 -18.29 18.50 10.60
N GLU A 407 -19.19 19.32 10.04
CA GLU A 407 -20.16 20.21 10.74
C GLU A 407 -21.31 19.33 11.23
N ILE A 408 -22.08 18.78 10.28
CA ILE A 408 -23.34 17.99 10.47
C ILE A 408 -23.07 16.81 11.44
N ASN A 409 -21.94 16.11 11.24
CA ASN A 409 -21.54 14.87 11.94
C ASN A 409 -20.33 15.17 12.84
N ASN A 410 -20.46 16.12 13.77
CA ASN A 410 -19.35 16.69 14.61
C ASN A 410 -18.79 15.65 15.59
N MET A 411 -19.58 14.68 16.01
CA MET A 411 -19.15 13.56 16.90
C MET A 411 -17.98 12.78 16.24
N ASN A 412 -18.11 12.43 14.96
CA ASN A 412 -17.20 11.52 14.21
C ASN A 412 -15.99 12.29 13.68
N PHE A 413 -15.99 13.62 13.79
CA PHE A 413 -14.89 14.50 13.32
C PHE A 413 -14.59 15.63 14.32
N THR A 414 -13.45 15.47 15.00
CA THR A 414 -12.92 16.41 16.01
C THR A 414 -11.58 16.93 15.48
N LYS A 415 -11.61 18.11 14.87
CA LYS A 415 -10.44 18.89 14.44
C LYS A 415 -9.41 18.84 15.57
N LEU A 416 -8.12 18.93 15.25
CA LEU A 416 -7.01 18.82 16.23
C LEU A 416 -5.97 19.89 15.89
N LYS A 417 -5.40 20.46 16.95
CA LYS A 417 -4.43 21.60 16.98
C LYS A 417 -4.44 22.32 15.64
ZN ZN B . 1.33 8.61 -3.23
C01 XC1 C . 0.24 13.95 1.17
C02 XC1 C . 0.39 12.31 0.88
N01 XC1 C . -0.62 11.65 0.26
O01 XC1 C . 1.29 11.69 1.44
C03 XC1 C . -0.71 10.17 -0.16
C04 XC1 C . 0.25 9.73 -1.19
O02 XC1 C . 0.09 9.99 -2.33
N02 XC1 C . 1.45 9.07 -0.75
O03 XC1 C . 2.37 8.49 -1.80
C05 XC1 C . -1.93 9.76 -0.27
C06 XC1 C . -2.55 8.62 0.49
C07 XC1 C . -1.63 8.18 1.52
C08 XC1 C . 0.89 14.45 2.38
C09 XC1 C . 0.61 13.72 3.59
C10 XC1 C . 2.23 14.62 2.33
C11 XC1 C . 3.13 14.62 3.42
N03 XC1 C . -1.14 14.00 1.07
S01 XC1 C . -1.55 15.17 -0.40
O04 XC1 C . -0.46 15.23 -1.26
O05 XC1 C . -2.76 14.78 -0.92
C12 XC1 C . -1.49 16.84 0.31
C13 XC1 C . -1.29 17.09 1.59
C14 XC1 C . -1.31 18.42 2.01
C15 XC1 C . -1.75 19.43 1.17
CL01 XC1 C . -1.04 18.46 3.60
C16 XC1 C . -2.06 19.16 -0.14
C17 XC1 C . -2.01 17.83 -0.55
CL02 XC1 C . -2.52 20.50 -1.25
#